data_6QHG
#
_entry.id   6QHG
#
_cell.length_a   31.580
_cell.length_b   53.681
_cell.length_c   135.987
_cell.angle_alpha   90.00
_cell.angle_beta   90.00
_cell.angle_gamma   90.00
#
_symmetry.space_group_name_H-M   'P 21 21 21'
#
loop_
_entity.id
_entity.type
_entity.pdbx_description
1 polymer Polymerase
2 non-polymer "7N-METHYL-8-HYDROGUANOSINE-5'-TRIPHOSPHATE"
3 non-polymer GLYCEROL
4 non-polymer 'PHOSPHATE ION'
5 water water
#
_entity_poly.entity_id   1
_entity_poly.type   'polypeptide(L)'
_entity_poly.pdbx_seq_one_letter_code
;GPGAGTVGGFIKRQQSKVVQNKVVYYGVGIWRGF(MSE)DGYQVHLEIENDIGQPPRLRNVTTNCQSSPWDLSIPIRQWA
ED(MSE)GVTNNQDYSSKSSRGARYW(MSE)HSFR(MSE)QGPSKPFGCPVYIIK
;
_entity_poly.pdbx_strand_id   A,B
#
# COMPACT_ATOMS: atom_id res chain seq x y z
N GLY A 1 11.41 14.20 4.65
CA GLY A 1 10.97 12.86 4.34
C GLY A 1 9.48 12.77 4.10
N PRO A 2 8.75 12.21 5.06
CA PRO A 2 7.30 12.08 4.90
C PRO A 2 6.66 13.44 4.66
N GLY A 3 5.75 13.48 3.70
CA GLY A 3 5.04 14.70 3.36
C GLY A 3 5.84 15.70 2.57
N ALA A 4 7.09 15.39 2.23
CA ALA A 4 7.89 16.29 1.41
C ALA A 4 7.18 16.57 0.09
N GLY A 5 6.97 17.85 -0.19
CA GLY A 5 6.34 18.26 -1.41
C GLY A 5 4.86 18.48 -1.32
N THR A 6 4.19 17.92 -0.32
CA THR A 6 2.74 18.12 -0.19
C THR A 6 2.41 19.60 -0.21
N VAL A 7 1.41 19.97 -1.01
CA VAL A 7 0.97 21.35 -1.08
C VAL A 7 -0.54 21.38 -1.21
N GLY A 8 -1.17 22.36 -0.57
CA GLY A 8 -2.61 22.49 -0.62
C GLY A 8 -3.08 23.46 0.44
N GLY A 9 -4.37 23.43 0.71
CA GLY A 9 -4.91 24.31 1.73
C GLY A 9 -6.39 24.04 1.90
N PHE A 10 -6.95 24.68 2.92
CA PHE A 10 -8.38 24.52 3.16
C PHE A 10 -9.18 25.31 2.13
N ILE A 11 -10.07 24.61 1.44
CA ILE A 11 -11.06 25.29 0.60
C ILE A 11 -12.33 25.58 1.39
N LYS A 12 -12.65 24.77 2.39
CA LYS A 12 -13.70 25.07 3.35
C LYS A 12 -13.05 25.13 4.72
N ARG A 13 -12.91 26.33 5.25
CA ARG A 13 -12.32 26.51 6.56
C ARG A 13 -13.31 26.05 7.62
N GLN A 14 -12.77 25.46 8.68
CA GLN A 14 -13.59 25.18 9.84
C GLN A 14 -14.04 26.51 10.46
N GLN A 15 -15.13 26.44 11.22
CA GLN A 15 -15.51 27.58 12.04
C GLN A 15 -14.48 27.75 13.15
N SER A 16 -14.41 28.95 13.71
CA SER A 16 -13.38 29.20 14.72
C SER A 16 -13.84 30.27 15.70
N LYS A 17 -13.26 30.23 16.88
CA LYS A 17 -13.39 31.32 17.84
C LYS A 17 -12.10 31.38 18.67
N VAL A 18 -11.94 32.48 19.39
CA VAL A 18 -10.79 32.67 20.26
C VAL A 18 -11.22 32.38 21.69
N VAL A 19 -10.53 31.44 22.33
CA VAL A 19 -10.80 31.04 23.70
C VAL A 19 -9.47 31.00 24.43
N GLN A 20 -9.40 31.71 25.57
CA GLN A 20 -8.18 31.75 26.37
C GLN A 20 -6.98 32.14 25.51
N ASN A 21 -7.20 33.15 24.66
CA ASN A 21 -6.16 33.74 23.82
C ASN A 21 -5.62 32.76 22.77
N LYS A 22 -6.42 31.78 22.38
CA LYS A 22 -6.04 30.81 21.35
C LYS A 22 -7.21 30.56 20.41
N VAL A 23 -6.91 30.41 19.12
CA VAL A 23 -7.96 30.08 18.16
C VAL A 23 -8.33 28.61 18.34
N VAL A 24 -9.63 28.34 18.36
CA VAL A 24 -10.14 26.97 18.40
C VAL A 24 -11.02 26.75 17.18
N TYR A 25 -10.78 25.64 16.48
CA TYR A 25 -11.49 25.29 15.26
C TYR A 25 -12.54 24.23 15.55
N TYR A 26 -13.64 24.29 14.79
CA TYR A 26 -14.72 23.33 14.97
C TYR A 26 -15.56 23.29 13.71
N GLY A 27 -16.46 22.31 13.64
CA GLY A 27 -17.22 22.10 12.43
C GLY A 27 -16.42 21.32 11.39
N VAL A 28 -16.84 21.47 10.14
CA VAL A 28 -16.30 20.70 9.02
C VAL A 28 -15.24 21.53 8.29
N GLY A 29 -14.10 20.91 8.00
CA GLY A 29 -13.09 21.50 7.15
C GLY A 29 -12.81 20.60 5.96
N ILE A 30 -12.53 21.22 4.82
CA ILE A 30 -12.17 20.49 3.61
C ILE A 30 -10.84 21.04 3.11
N TRP A 31 -9.84 20.17 3.01
CA TRP A 31 -8.52 20.51 2.53
C TRP A 31 -8.34 19.85 1.18
N ARG A 32 -7.80 20.59 0.22
CA ARG A 32 -7.50 20.02 -1.08
C ARG A 32 -6.07 20.38 -1.48
N GLY A 33 -5.43 19.46 -2.17
CA GLY A 33 -4.07 19.71 -2.59
C GLY A 33 -3.51 18.58 -3.40
N PHE A 34 -2.19 18.46 -3.39
CA PHE A 34 -1.47 17.49 -4.19
C PHE A 34 -0.46 16.76 -3.33
N ASP A 36 2.50 13.84 -4.31
CA ASP A 36 3.16 12.99 -5.29
C ASP A 36 2.51 13.09 -6.67
N GLY A 37 2.04 14.29 -7.02
CA GLY A 37 1.41 14.50 -8.30
C GLY A 37 -0.09 14.20 -8.35
N TYR A 38 -0.64 13.56 -7.33
CA TYR A 38 -2.03 13.18 -7.31
C TYR A 38 -2.86 14.22 -6.57
N GLN A 39 -4.11 14.36 -6.97
CA GLN A 39 -5.02 15.24 -6.25
C GLN A 39 -5.56 14.52 -5.02
N VAL A 40 -5.63 15.24 -3.92
CA VAL A 40 -6.10 14.68 -2.66
C VAL A 40 -7.07 15.66 -2.03
N HIS A 41 -8.18 15.13 -1.52
CA HIS A 41 -9.26 15.86 -0.86
C HIS A 41 -9.41 15.21 0.51
N LEU A 42 -9.31 16.01 1.57
CA LEU A 42 -9.37 15.51 2.95
C LEU A 42 -10.40 16.30 3.73
N GLU A 43 -11.32 15.60 4.39
CA GLU A 43 -12.31 16.26 5.22
C GLU A 43 -12.05 15.93 6.68
N ILE A 44 -12.15 16.95 7.52
CA ILE A 44 -12.02 16.80 8.97
C ILE A 44 -13.25 17.40 9.65
N GLU A 45 -13.53 16.91 10.85
CA GLU A 45 -14.62 17.49 11.63
C GLU A 45 -14.34 17.30 13.11
N ASN A 46 -14.88 18.22 13.91
CA ASN A 46 -14.88 18.05 15.36
C ASN A 46 -15.83 19.07 15.98
N ASP A 47 -16.36 18.70 17.14
CA ASP A 47 -17.00 19.69 18.01
C ASP A 47 -15.93 20.47 18.75
N ILE A 48 -16.32 21.63 19.28
CA ILE A 48 -15.41 22.41 20.10
C ILE A 48 -14.90 21.53 21.24
N GLY A 49 -13.59 21.47 21.40
CA GLY A 49 -12.97 20.69 22.43
C GLY A 49 -12.45 19.34 21.99
N GLN A 50 -12.93 18.80 20.80
CA GLN A 50 -12.36 17.51 20.41
C GLN A 50 -11.37 17.73 19.28
N PRO A 51 -10.25 17.00 19.27
CA PRO A 51 -9.31 17.15 18.16
C PRO A 51 -9.97 16.80 16.85
N PRO A 52 -9.54 17.42 15.75
CA PRO A 52 -10.17 17.13 14.45
C PRO A 52 -9.98 15.68 14.05
N ARG A 53 -11.04 15.11 13.49
CA ARG A 53 -11.10 13.70 13.08
C ARG A 53 -11.11 13.63 11.55
N LEU A 54 -10.34 12.70 11.00
CA LEU A 54 -10.34 12.47 9.56
C LEU A 54 -11.58 11.67 9.15
N ARG A 55 -12.47 12.28 8.34
CA ARG A 55 -13.73 11.64 7.98
C ARG A 55 -13.85 11.28 6.49
N ASN A 56 -12.98 11.79 5.63
CA ASN A 56 -13.05 11.45 4.21
C ASN A 56 -11.67 11.65 3.59
N VAL A 57 -11.22 10.66 2.81
CA VAL A 57 -10.12 10.82 1.88
C VAL A 57 -10.66 10.54 0.48
N THR A 58 -10.43 11.47 -0.46
CA THR A 58 -10.80 11.26 -1.85
C THR A 58 -9.60 11.63 -2.71
N THR A 59 -9.25 10.76 -3.66
CA THR A 59 -8.06 11.01 -4.47
C THR A 59 -8.29 10.48 -5.88
N ASN A 60 -7.53 11.03 -6.83
CA ASN A 60 -7.49 10.47 -8.17
C ASN A 60 -6.39 9.45 -8.35
N CYS A 61 -5.71 9.05 -7.28
CA CYS A 61 -4.68 8.01 -7.36
C CYS A 61 -5.37 6.64 -7.34
N GLN A 62 -5.63 6.09 -8.53
CA GLN A 62 -6.35 4.83 -8.60
C GLN A 62 -5.41 3.63 -8.57
N SER A 63 -4.24 3.75 -9.18
CA SER A 63 -3.38 2.57 -9.37
C SER A 63 -2.68 2.14 -8.09
N SER A 64 -2.45 3.05 -7.14
CA SER A 64 -1.75 2.69 -5.91
C SER A 64 -2.02 3.68 -4.79
N PRO A 65 -3.28 3.85 -4.36
CA PRO A 65 -3.59 4.86 -3.35
C PRO A 65 -2.93 4.62 -2.01
N TRP A 66 -2.54 3.37 -1.72
CA TRP A 66 -1.78 3.07 -0.51
C TRP A 66 -0.49 3.88 -0.42
N ASP A 67 0.05 4.33 -1.55
CA ASP A 67 1.23 5.20 -1.54
C ASP A 67 0.94 6.55 -0.90
N LEU A 68 -0.32 6.90 -0.69
CA LEU A 68 -0.64 8.16 -0.04
C LEU A 68 -0.71 8.06 1.48
N SER A 69 -0.61 6.85 2.04
CA SER A 69 -0.75 6.72 3.49
C SER A 69 0.31 7.50 4.24
N ILE A 70 1.56 7.45 3.78
CA ILE A 70 2.63 8.19 4.44
C ILE A 70 2.41 9.70 4.39
N PRO A 71 2.17 10.33 3.23
CA PRO A 71 1.96 11.78 3.26
C PRO A 71 0.67 12.19 3.96
N ILE A 72 -0.38 11.37 3.90
CA ILE A 72 -1.58 11.70 4.69
C ILE A 72 -1.28 11.64 6.18
N ARG A 73 -0.55 10.62 6.63
CA ARG A 73 -0.18 10.55 8.04
CA ARG A 73 -0.19 10.55 8.04
C ARG A 73 0.59 11.80 8.46
N GLN A 74 1.52 12.25 7.60
CA GLN A 74 2.33 13.41 7.96
C GLN A 74 1.49 14.68 7.97
N TRP A 75 0.62 14.84 6.97
CA TRP A 75 -0.32 15.96 6.97
C TRP A 75 -1.13 15.99 8.25
N ALA A 76 -1.63 14.82 8.65
CA ALA A 76 -2.46 14.73 9.84
C ALA A 76 -1.67 15.01 11.10
N GLU A 77 -0.43 14.52 11.17
CA GLU A 77 0.43 14.85 12.33
C GLU A 77 0.58 16.36 12.45
N ASP A 78 0.96 17.02 11.35
CA ASP A 78 1.11 18.47 11.35
C ASP A 78 -0.15 19.16 11.85
N GLY A 80 -2.66 17.90 13.78
CA GLY A 80 -3.30 17.35 14.96
C GLY A 80 -4.55 16.55 14.68
N VAL A 81 -4.66 15.99 13.48
CA VAL A 81 -5.84 15.26 13.05
C VAL A 81 -5.70 13.79 13.42
N THR A 82 -6.75 13.21 14.00
CA THR A 82 -6.77 11.82 14.42
C THR A 82 -7.50 10.94 13.41
N ASN A 83 -7.24 9.64 13.50
CA ASN A 83 -7.82 8.64 12.60
C ASN A 83 -8.20 7.39 13.40
N ASN A 84 -8.85 7.61 14.55
CA ASN A 84 -9.42 6.52 15.34
C ASN A 84 -10.91 6.33 15.11
N GLN A 85 -11.60 7.37 14.67
CA GLN A 85 -13.05 7.37 14.62
C GLN A 85 -13.54 6.55 13.43
N ASP A 86 -14.59 5.77 13.66
CA ASP A 86 -15.18 4.94 12.62
C ASP A 86 -16.31 5.73 11.97
N TYR A 87 -16.21 5.93 10.65
CA TYR A 87 -17.26 6.58 9.88
C TYR A 87 -18.00 5.62 8.97
N SER A 88 -17.82 4.30 9.16
CA SER A 88 -18.35 3.35 8.19
C SER A 88 -19.87 3.41 8.08
N SER A 89 -20.57 3.71 9.15
CA SER A 89 -22.03 3.81 9.03
C SER A 89 -22.51 5.20 8.63
N LYS A 90 -21.60 6.18 8.59
CA LYS A 90 -21.94 7.56 8.27
C LYS A 90 -21.40 8.00 6.92
N SER A 91 -20.95 7.06 6.09
CA SER A 91 -20.27 7.37 4.84
C SER A 91 -21.07 6.84 3.66
N SER A 92 -21.00 7.56 2.55
CA SER A 92 -21.67 7.12 1.34
C SER A 92 -21.03 5.83 0.81
N ARG A 93 -21.86 4.99 0.22
CA ARG A 93 -21.35 3.79 -0.41
C ARG A 93 -20.38 4.14 -1.54
N GLY A 94 -19.48 3.21 -1.82
CA GLY A 94 -18.53 3.38 -2.90
C GLY A 94 -17.09 3.52 -2.46
N ALA A 95 -16.81 3.52 -1.16
CA ALA A 95 -15.42 3.58 -0.72
C ALA A 95 -14.68 2.37 -1.24
N ARG A 96 -13.44 2.57 -1.65
CA ARG A 96 -12.62 1.46 -2.15
C ARG A 96 -11.61 0.96 -1.13
N TYR A 97 -11.31 1.79 -0.12
CA TYR A 97 -10.39 1.42 0.96
C TYR A 97 -10.88 2.11 2.21
N TRP A 98 -10.29 1.71 3.34
CA TRP A 98 -10.59 2.28 4.63
C TRP A 98 -9.29 2.59 5.33
N HIS A 100 -7.49 3.55 8.90
CA HIS A 100 -7.62 3.59 10.35
C HIS A 100 -6.23 3.51 10.94
N SER A 101 -5.94 4.36 11.92
CA SER A 101 -4.58 4.51 12.44
C SER A 101 -3.59 4.84 11.32
N PHE A 102 -4.08 5.57 10.31
CA PHE A 102 -3.27 6.02 9.18
C PHE A 102 -2.68 4.89 8.35
N ARG A 103 -3.33 3.74 8.40
CA ARG A 103 -3.00 2.62 7.52
C ARG A 103 -4.23 2.24 6.72
N GLN A 105 -6.62 -0.32 4.47
CA GLN A 105 -7.08 -1.67 4.19
C GLN A 105 -8.17 -1.66 3.14
N GLY A 106 -8.41 -2.82 2.54
CA GLY A 106 -9.38 -2.93 1.47
C GLY A 106 -10.81 -2.97 1.99
N PRO A 107 -11.75 -3.15 1.05
CA PRO A 107 -13.18 -3.03 1.38
C PRO A 107 -13.70 -4.11 2.33
N SER A 108 -12.95 -5.18 2.58
CA SER A 108 -13.40 -6.18 3.54
C SER A 108 -13.18 -5.76 4.99
N LYS A 109 -12.55 -4.60 5.23
CA LYS A 109 -12.30 -4.09 6.58
C LYS A 109 -12.90 -2.70 6.73
N PRO A 110 -14.24 -2.59 6.65
CA PRO A 110 -14.89 -1.26 6.65
C PRO A 110 -14.96 -0.67 8.06
N PHE A 111 -13.86 -0.06 8.47
CA PHE A 111 -13.77 0.58 9.77
C PHE A 111 -12.84 1.77 9.62
N GLY A 112 -13.28 2.94 10.09
CA GLY A 112 -12.45 4.12 10.06
C GLY A 112 -12.93 5.12 9.04
N CYS A 113 -11.99 5.68 8.30
CA CYS A 113 -12.28 6.74 7.34
C CYS A 113 -12.36 6.15 5.94
N PRO A 114 -13.42 6.42 5.20
CA PRO A 114 -13.50 5.90 3.82
C PRO A 114 -12.50 6.59 2.91
N VAL A 115 -12.00 5.82 1.95
CA VAL A 115 -11.11 6.30 0.90
C VAL A 115 -11.87 6.12 -0.42
N TYR A 116 -12.19 7.22 -1.06
CA TYR A 116 -12.86 7.22 -2.35
C TYR A 116 -11.87 7.53 -3.45
N ILE A 117 -12.08 6.93 -4.61
CA ILE A 117 -11.22 7.13 -5.76
C ILE A 117 -12.08 7.77 -6.85
N ILE A 118 -11.66 8.93 -7.35
CA ILE A 118 -12.42 9.63 -8.38
C ILE A 118 -11.48 10.12 -9.48
N LYS A 119 -11.84 9.81 -10.72
CA LYS A 119 -11.17 10.32 -11.90
C LYS A 119 -12.18 10.44 -13.05
N GLY B 3 3.66 -12.57 13.05
CA GLY B 3 4.75 -11.78 13.59
C GLY B 3 5.01 -10.43 12.94
N ALA B 4 6.26 -9.98 12.98
CA ALA B 4 6.63 -8.65 12.50
C ALA B 4 7.86 -8.64 11.61
N GLY B 5 8.45 -9.80 11.31
CA GLY B 5 9.55 -9.91 10.37
C GLY B 5 9.28 -10.98 9.33
N THR B 6 10.34 -11.52 8.74
CA THR B 6 10.25 -12.47 7.63
C THR B 6 10.95 -13.75 8.03
N VAL B 7 10.29 -14.89 7.80
CA VAL B 7 10.89 -16.20 8.06
C VAL B 7 10.35 -17.21 7.05
N GLY B 8 11.25 -17.97 6.44
CA GLY B 8 10.84 -18.99 5.49
C GLY B 8 12.05 -19.62 4.82
N GLY B 9 11.79 -20.26 3.70
CA GLY B 9 12.88 -20.91 2.98
C GLY B 9 12.37 -21.44 1.67
N PHE B 10 13.31 -21.97 0.88
CA PHE B 10 12.95 -22.57 -0.40
C PHE B 10 12.34 -23.95 -0.19
N ILE B 11 11.06 -24.10 -0.51
CA ILE B 11 10.41 -25.40 -0.44
C ILE B 11 10.74 -26.20 -1.68
N LYS B 12 10.79 -25.53 -2.83
CA LYS B 12 11.37 -26.09 -4.04
C LYS B 12 12.62 -25.28 -4.38
N ARG B 13 13.78 -25.90 -4.24
CA ARG B 13 15.01 -25.23 -4.63
C ARG B 13 15.10 -25.12 -6.14
N GLN B 14 15.76 -24.08 -6.60
CA GLN B 14 16.09 -24.03 -8.01
C GLN B 14 17.02 -25.19 -8.37
N GLN B 15 17.00 -25.54 -9.64
CA GLN B 15 18.00 -26.48 -10.15
C GLN B 15 19.38 -25.85 -10.02
N SER B 16 20.40 -26.69 -9.97
CA SER B 16 21.75 -26.18 -9.90
C SER B 16 22.71 -27.07 -10.67
N LYS B 17 23.80 -26.47 -11.13
CA LYS B 17 24.86 -27.22 -11.77
C LYS B 17 26.14 -26.42 -11.62
N VAL B 18 27.26 -27.13 -11.72
CA VAL B 18 28.57 -26.48 -11.67
C VAL B 18 28.88 -25.95 -13.06
N VAL B 19 29.10 -24.65 -13.16
CA VAL B 19 29.63 -24.02 -14.36
C VAL B 19 31.02 -23.53 -14.01
N GLN B 20 32.04 -24.24 -14.50
CA GLN B 20 33.43 -23.97 -14.17
C GLN B 20 33.72 -24.24 -12.70
N ASN B 21 34.04 -23.20 -11.95
CA ASN B 21 34.42 -23.32 -10.55
C ASN B 21 33.31 -22.90 -9.62
N LYS B 22 32.09 -22.73 -10.13
CA LYS B 22 31.00 -22.25 -9.30
C LYS B 22 29.69 -22.94 -9.65
N VAL B 23 28.90 -23.18 -8.62
CA VAL B 23 27.55 -23.70 -8.77
C VAL B 23 26.62 -22.55 -9.13
N VAL B 24 25.73 -22.80 -10.09
CA VAL B 24 24.77 -21.81 -10.57
C VAL B 24 23.37 -22.34 -10.35
N TYR B 25 22.47 -21.48 -9.88
CA TYR B 25 21.05 -21.82 -9.75
C TYR B 25 20.29 -21.34 -10.98
N TYR B 26 19.32 -22.13 -11.41
CA TYR B 26 18.51 -21.78 -12.57
C TYR B 26 17.19 -22.53 -12.49
N GLY B 27 16.31 -22.27 -13.46
CA GLY B 27 15.01 -22.88 -13.36
C GLY B 27 14.18 -22.20 -12.29
N VAL B 28 13.19 -22.94 -11.80
CA VAL B 28 12.16 -22.39 -10.91
C VAL B 28 12.50 -22.68 -9.46
N GLY B 29 12.37 -21.67 -8.61
CA GLY B 29 12.45 -21.85 -7.18
C GLY B 29 11.22 -21.29 -6.52
N ILE B 30 10.77 -21.95 -5.46
CA ILE B 30 9.59 -21.52 -4.72
C ILE B 30 9.95 -21.33 -3.26
N TRP B 31 9.84 -20.11 -2.79
CA TRP B 31 10.11 -19.77 -1.39
C TRP B 31 8.76 -19.62 -0.69
N ARG B 32 8.65 -20.20 0.50
CA ARG B 32 7.43 -20.08 1.28
C ARG B 32 7.77 -19.73 2.72
N GLY B 33 6.94 -18.88 3.31
CA GLY B 33 7.17 -18.50 4.70
C GLY B 33 6.17 -17.45 5.11
N PHE B 34 6.60 -16.60 6.04
CA PHE B 34 5.73 -15.62 6.64
C PHE B 34 6.40 -14.26 6.59
N ASP B 36 5.52 -10.53 8.25
CA ASP B 36 4.66 -9.78 9.17
C ASP B 36 3.39 -10.58 9.49
N GLY B 37 3.57 -11.89 9.65
CA GLY B 37 2.50 -12.80 10.04
C GLY B 37 1.72 -13.42 8.91
N TYR B 38 1.79 -12.86 7.70
CA TYR B 38 1.01 -13.38 6.59
C TYR B 38 1.79 -14.46 5.84
N GLN B 39 1.05 -15.44 5.33
CA GLN B 39 1.64 -16.46 4.47
C GLN B 39 2.04 -15.83 3.14
N VAL B 40 3.26 -16.10 2.70
CA VAL B 40 3.72 -15.62 1.40
C VAL B 40 4.42 -16.76 0.67
N HIS B 41 4.15 -16.86 -0.64
CA HIS B 41 4.69 -17.82 -1.57
C HIS B 41 5.31 -16.99 -2.69
N LEU B 42 6.61 -17.13 -2.91
CA LEU B 42 7.35 -16.34 -3.88
C LEU B 42 8.03 -17.30 -4.86
N GLU B 43 7.75 -17.13 -6.15
CA GLU B 43 8.36 -17.96 -7.19
C GLU B 43 9.39 -17.12 -7.94
N ILE B 44 10.57 -17.70 -8.15
CA ILE B 44 11.62 -17.04 -8.91
C ILE B 44 12.02 -17.97 -10.06
N GLU B 45 12.59 -17.38 -11.10
CA GLU B 45 13.10 -18.17 -12.21
C GLU B 45 14.20 -17.41 -12.93
N ASN B 46 15.14 -18.17 -13.51
CA ASN B 46 16.11 -17.57 -14.41
C ASN B 46 16.76 -18.67 -15.24
N ASP B 47 17.21 -18.28 -16.43
CA ASP B 47 18.11 -19.09 -17.22
C ASP B 47 19.53 -18.89 -16.68
N ILE B 48 20.44 -19.76 -17.12
CA ILE B 48 21.82 -19.62 -16.68
C ILE B 48 22.39 -18.32 -17.22
N GLY B 49 23.05 -17.55 -16.36
CA GLY B 49 23.61 -16.27 -16.75
C GLY B 49 22.67 -15.09 -16.56
N GLN B 50 21.46 -15.29 -15.99
CA GLN B 50 20.48 -14.29 -15.61
C GLN B 50 20.34 -14.26 -14.09
N PRO B 51 20.12 -13.10 -13.48
CA PRO B 51 19.75 -13.09 -12.07
C PRO B 51 18.35 -13.65 -11.89
N PRO B 52 18.04 -14.22 -10.74
CA PRO B 52 16.68 -14.72 -10.53
C PRO B 52 15.68 -13.57 -10.59
N ARG B 53 14.55 -13.83 -11.26
CA ARG B 53 13.49 -12.85 -11.43
C ARG B 53 12.24 -13.31 -10.70
N LEU B 54 11.54 -12.35 -10.09
CA LEU B 54 10.31 -12.64 -9.35
C LEU B 54 9.15 -12.84 -10.32
N ARG B 55 8.57 -14.04 -10.32
CA ARG B 55 7.53 -14.35 -11.30
C ARG B 55 6.16 -14.59 -10.69
N ASN B 56 6.06 -14.79 -9.38
CA ASN B 56 4.75 -14.99 -8.77
C ASN B 56 4.84 -14.59 -7.30
N VAL B 57 3.86 -13.82 -6.83
CA VAL B 57 3.63 -13.61 -5.40
C VAL B 57 2.23 -14.13 -5.11
N THR B 58 2.12 -14.99 -4.10
CA THR B 58 0.82 -15.46 -3.64
C THR B 58 0.77 -15.32 -2.13
N THR B 59 -0.32 -14.73 -1.62
CA THR B 59 -0.38 -14.43 -0.20
C THR B 59 -1.81 -14.55 0.32
N ASN B 60 -1.93 -14.84 1.61
CA ASN B 60 -3.21 -14.78 2.29
C ASN B 60 -3.48 -13.41 2.90
N CYS B 61 -2.66 -12.40 2.59
CA CYS B 61 -2.90 -11.04 3.05
C CYS B 61 -3.93 -10.39 2.11
N GLN B 62 -5.20 -10.61 2.44
CA GLN B 62 -6.29 -10.18 1.57
C GLN B 62 -6.55 -8.68 1.72
N SER B 63 -6.43 -8.16 2.93
CA SER B 63 -6.93 -6.82 3.21
C SER B 63 -5.88 -5.73 3.07
N SER B 64 -4.60 -6.06 3.00
CA SER B 64 -3.58 -5.03 2.84
C SER B 64 -2.30 -5.55 2.18
N PRO B 65 -2.39 -6.22 1.03
CA PRO B 65 -1.20 -6.86 0.46
C PRO B 65 -0.09 -5.89 0.11
N TRP B 66 -0.42 -4.61 -0.09
CA TRP B 66 0.60 -3.60 -0.35
C TRP B 66 1.58 -3.47 0.81
N ASP B 67 1.18 -3.86 2.01
CA ASP B 67 2.10 -3.84 3.16
C ASP B 67 3.23 -4.85 3.00
N LEU B 68 3.14 -5.76 2.04
CA LEU B 68 4.21 -6.74 1.81
C LEU B 68 5.27 -6.24 0.84
N SER B 69 5.07 -5.09 0.19
CA SER B 69 6.03 -4.64 -0.81
C SER B 69 7.41 -4.44 -0.21
N ILE B 70 7.48 -3.79 0.96
CA ILE B 70 8.78 -3.55 1.59
C ILE B 70 9.44 -4.86 2.01
N PRO B 71 8.77 -5.76 2.75
CA PRO B 71 9.45 -7.03 3.09
C PRO B 71 9.81 -7.87 1.88
N ILE B 72 9.01 -7.86 0.80
CA ILE B 72 9.41 -8.56 -0.41
C ILE B 72 10.66 -7.93 -1.03
N ARG B 73 10.70 -6.59 -1.09
CA ARG B 73 11.88 -5.91 -1.61
C ARG B 73 13.12 -6.26 -0.78
N GLN B 74 12.99 -6.23 0.55
CA GLN B 74 14.13 -6.53 1.41
C GLN B 74 14.59 -7.96 1.23
N TRP B 75 13.65 -8.90 1.11
CA TRP B 75 13.99 -10.30 0.88
C TRP B 75 14.70 -10.46 -0.45
N ALA B 76 14.18 -9.80 -1.49
CA ALA B 76 14.74 -9.92 -2.83
C ALA B 76 16.13 -9.33 -2.92
N GLU B 77 16.35 -8.16 -2.28
CA GLU B 77 17.66 -7.53 -2.37
C GLU B 77 18.72 -8.39 -1.69
N ASP B 78 18.37 -9.01 -0.57
CA ASP B 78 19.32 -9.89 0.10
C ASP B 78 19.59 -11.15 -0.72
N GLY B 80 19.34 -11.27 -4.13
CA GLY B 80 19.72 -10.94 -5.48
C GLY B 80 18.63 -11.14 -6.52
N VAL B 81 17.37 -11.09 -6.12
CA VAL B 81 16.23 -11.31 -7.00
C VAL B 81 15.79 -9.96 -7.56
N THR B 82 15.42 -9.93 -8.84
CA THR B 82 15.02 -8.71 -9.54
C THR B 82 13.52 -8.72 -9.82
N ASN B 83 12.98 -7.53 -10.09
CA ASN B 83 11.54 -7.37 -10.36
C ASN B 83 11.32 -6.41 -11.53
N ASN B 84 12.10 -6.59 -12.60
CA ASN B 84 11.92 -5.81 -13.81
CA ASN B 84 11.92 -5.80 -13.81
C ASN B 84 11.20 -6.58 -14.92
N GLN B 85 11.16 -7.90 -14.83
CA GLN B 85 10.62 -8.74 -15.88
C GLN B 85 9.10 -8.75 -15.85
N ASP B 86 8.49 -8.64 -17.03
CA ASP B 86 7.03 -8.73 -17.18
C ASP B 86 6.62 -10.16 -17.44
N TYR B 87 5.77 -10.71 -16.56
CA TYR B 87 5.23 -12.06 -16.73
C TYR B 87 3.75 -12.06 -17.09
N SER B 88 3.16 -10.91 -17.41
CA SER B 88 1.70 -10.85 -17.60
C SER B 88 1.22 -11.83 -18.66
N SER B 89 1.93 -11.93 -19.78
CA SER B 89 1.47 -12.80 -20.86
C SER B 89 1.63 -14.28 -20.53
N LYS B 90 2.44 -14.61 -19.53
CA LYS B 90 2.72 -15.99 -19.13
C LYS B 90 1.95 -16.42 -17.88
N SER B 91 1.18 -15.53 -17.28
CA SER B 91 0.50 -15.77 -16.02
C SER B 91 -0.93 -16.25 -16.24
N SER B 92 -1.46 -16.94 -15.23
CA SER B 92 -2.85 -17.38 -15.29
C SER B 92 -3.79 -16.28 -14.81
N ARG B 93 -5.06 -16.43 -15.16
CA ARG B 93 -6.08 -15.46 -14.81
C ARG B 93 -6.21 -15.38 -13.29
N GLY B 94 -6.63 -14.20 -12.81
CA GLY B 94 -6.99 -14.04 -11.43
C GLY B 94 -6.06 -13.15 -10.61
N ALA B 95 -5.00 -12.60 -11.20
CA ALA B 95 -4.13 -11.71 -10.44
C ALA B 95 -4.92 -10.51 -9.97
N ARG B 96 -4.70 -10.11 -8.71
CA ARG B 96 -5.39 -8.98 -8.13
C ARG B 96 -4.52 -7.74 -8.01
N TYR B 97 -3.19 -7.92 -8.01
CA TYR B 97 -2.24 -6.82 -7.98
C TYR B 97 -1.04 -7.23 -8.83
N TRP B 98 -0.17 -6.25 -9.06
CA TRP B 98 1.01 -6.43 -9.91
C TRP B 98 2.18 -5.74 -9.26
N HIS B 100 6.07 -4.39 -9.80
CA HIS B 100 7.11 -4.05 -10.75
C HIS B 100 8.02 -3.04 -10.09
N SER B 101 9.33 -3.23 -10.23
CA SER B 101 10.30 -2.42 -9.49
C SER B 101 10.02 -2.44 -7.99
N PHE B 102 9.48 -3.55 -7.49
CA PHE B 102 9.18 -3.76 -6.07
C PHE B 102 8.13 -2.81 -5.53
N ARG B 103 7.27 -2.30 -6.41
CA ARG B 103 6.13 -1.50 -6.03
C ARG B 103 4.87 -2.16 -6.54
N GLN B 105 0.89 -2.19 -7.68
CA GLN B 105 -0.23 -1.48 -8.28
C GLN B 105 -1.39 -2.45 -8.46
N GLY B 106 -2.58 -1.89 -8.66
CA GLY B 106 -3.78 -2.68 -8.81
C GLY B 106 -3.96 -3.24 -10.20
N PRO B 107 -5.12 -3.83 -10.47
CA PRO B 107 -5.34 -4.55 -11.74
C PRO B 107 -5.35 -3.66 -12.96
N SER B 108 -5.42 -2.34 -12.80
CA SER B 108 -5.32 -1.42 -13.94
C SER B 108 -3.92 -1.36 -14.53
N LYS B 109 -2.91 -1.92 -13.85
CA LYS B 109 -1.52 -1.88 -14.33
C LYS B 109 -0.96 -3.29 -14.38
N PRO B 110 -1.47 -4.14 -15.27
CA PRO B 110 -1.08 -5.57 -15.32
C PRO B 110 0.23 -5.80 -16.05
N PHE B 111 1.32 -5.44 -15.36
CA PHE B 111 2.67 -5.51 -15.90
C PHE B 111 3.61 -5.87 -14.77
N GLY B 112 4.50 -6.82 -15.02
CA GLY B 112 5.45 -7.27 -14.02
C GLY B 112 5.11 -8.63 -13.45
N CYS B 113 5.12 -8.73 -12.13
CA CYS B 113 4.89 -9.98 -11.43
C CYS B 113 3.47 -10.01 -10.90
N PRO B 114 2.67 -11.02 -11.22
CA PRO B 114 1.31 -11.07 -10.67
C PRO B 114 1.30 -11.38 -9.18
N VAL B 115 0.32 -10.79 -8.49
CA VAL B 115 0.06 -11.03 -7.07
C VAL B 115 -1.31 -11.68 -6.96
N TYR B 116 -1.33 -12.90 -6.43
CA TYR B 116 -2.55 -13.67 -6.23
C TYR B 116 -2.87 -13.71 -4.75
N ILE B 117 -4.16 -13.66 -4.42
CA ILE B 117 -4.65 -13.65 -3.04
C ILE B 117 -5.38 -14.96 -2.79
N ILE B 118 -5.01 -15.66 -1.72
CA ILE B 118 -5.65 -16.91 -1.35
C ILE B 118 -6.34 -16.76 0.00
N LYS B 119 -7.18 -17.73 0.30
CA LYS B 119 -7.89 -17.78 1.59
C LYS B 119 -6.94 -18.03 2.75
#